data_2YHA
#
_entry.id   2YHA
#
_cell.length_a   63.080
_cell.length_b   63.080
_cell.length_c   170.470
_cell.angle_alpha   90.00
_cell.angle_beta   90.00
_cell.angle_gamma   120.00
#
_symmetry.space_group_name_H-M   'P 32 2 1'
#
loop_
_entity.id
_entity.type
_entity.pdbx_description
1 polymer 'POST-TRANSCRIPTIONAL GENE SILENCING PROTEIN QDE-2'
2 non-polymer 'SULFATE ION'
3 non-polymer GLYCEROL
4 water water
#
_entity_poly.entity_id   1
_entity_poly.type   'polypeptide(L)'
_entity_poly.pdbx_seq_one_letter_code
;GAMAVKVARPCRKIEKWTYLELKGSKANEGVPQAMTAFAEFLNRTGIPINPRFSPGMSMSVPGSEKEFFAKVKELMSSHQ
FVVVLLPRKDVAIYNMVKRAADITFGVHTVCCVAEKFLSTKGQLGYFANVGLKVNLKFGGTNHNIKTPIPLLAKGKTMVV
GYDVTHPTNLAAGQSPASAPSIVGLVSTIDQHLGQWPAMVWNNPHGQESMTEQFTDKFKTRLELWRSNPANNRSLPENIL
IFRDGVSEGQFQMVIKDELPLVRAACKLVYPAGKLPRITLIVSVKGSGSAHYTVLVDEIFRADYGNKAADTLEQLTHDMC
YLFGRATKAVSICPPAYYADLVCDRARIHQKELFDALDENDSVKTDDFARWGNSGAVHPNLRNSMYYI
;
_entity_poly.pdbx_strand_id   A
#
# COMPACT_ATOMS: atom_id res chain seq x y z
N VAL A 5 -7.18 -22.85 3.58
CA VAL A 5 -5.90 -22.63 2.91
C VAL A 5 -4.92 -21.89 3.83
N LYS A 6 -3.85 -22.56 4.23
CA LYS A 6 -2.87 -22.02 5.17
C LYS A 6 -2.01 -20.91 4.51
N VAL A 7 -1.83 -19.76 5.19
CA VAL A 7 -0.99 -18.71 4.61
C VAL A 7 0.47 -19.16 4.55
N ALA A 8 1.22 -18.70 3.56
CA ALA A 8 2.59 -19.14 3.39
C ALA A 8 3.50 -18.78 4.57
N ARG A 9 3.39 -17.54 5.06
CA ARG A 9 4.23 -17.09 6.16
C ARG A 9 3.36 -16.28 7.11
N PRO A 10 3.18 -16.77 8.34
CA PRO A 10 2.25 -16.10 9.26
C PRO A 10 2.77 -14.73 9.67
N CYS A 11 1.87 -13.77 9.83
CA CYS A 11 2.23 -12.45 10.33
C CYS A 11 2.67 -12.49 11.78
N ARG A 12 3.02 -11.33 12.33
CA ARG A 12 3.31 -11.22 13.77
C ARG A 12 2.08 -11.54 14.57
N LYS A 13 2.27 -11.98 15.80
CA LYS A 13 1.15 -12.29 16.69
C LYS A 13 0.24 -11.06 16.89
N ILE A 14 -1.08 -11.25 16.79
CA ILE A 14 -2.05 -10.18 17.04
C ILE A 14 -2.68 -10.48 18.40
N GLU A 15 -2.13 -9.86 19.42
CA GLU A 15 -2.42 -10.24 20.79
C GLU A 15 -3.59 -9.48 21.42
N LYS A 16 -3.69 -8.19 21.14
CA LYS A 16 -4.69 -7.34 21.76
C LYS A 16 -5.53 -6.70 20.68
N TRP A 17 -6.77 -7.17 20.52
CA TRP A 17 -7.67 -6.60 19.50
C TRP A 17 -9.09 -6.54 20.01
N THR A 18 -9.94 -5.84 19.26
CA THR A 18 -11.30 -5.66 19.67
C THR A 18 -12.08 -5.22 18.46
N TYR A 19 -13.35 -4.89 18.67
CA TYR A 19 -14.18 -4.38 17.59
C TYR A 19 -14.87 -3.10 17.98
N LEU A 20 -15.21 -2.35 16.95
CA LEU A 20 -15.96 -1.12 17.08
C LEU A 20 -17.19 -1.26 16.21
N GLU A 21 -18.35 -1.25 16.84
CA GLU A 21 -19.60 -1.44 16.13
C GLU A 21 -20.25 -0.09 15.92
N LEU A 22 -20.37 0.34 14.67
CA LEU A 22 -20.99 1.63 14.37
C LEU A 22 -22.46 1.38 14.03
N LYS A 23 -23.35 1.85 14.89
CA LYS A 23 -24.77 1.48 14.81
C LYS A 23 -25.51 2.12 13.66
N GLY A 24 -26.38 1.35 13.02
CA GLY A 24 -27.28 1.87 12.00
C GLY A 24 -28.71 1.87 12.55
N SER A 25 -29.69 1.91 11.67
CA SER A 25 -31.05 2.07 12.16
C SER A 25 -31.54 0.81 12.89
N LYS A 26 -31.33 -0.36 12.30
CA LYS A 26 -31.69 -1.62 12.97
C LYS A 26 -30.53 -2.14 13.81
N ALA A 27 -30.80 -2.69 14.98
CA ALA A 27 -29.72 -3.21 15.82
C ALA A 27 -29.20 -4.56 15.32
N ASN A 28 -27.89 -4.75 15.43
CA ASN A 28 -27.22 -5.99 15.07
C ASN A 28 -27.39 -7.02 16.16
N GLU A 29 -27.39 -8.29 15.79
CA GLU A 29 -27.39 -9.35 16.77
C GLU A 29 -26.21 -10.29 16.52
N GLY A 30 -25.77 -10.97 17.56
CA GLY A 30 -24.78 -12.04 17.41
C GLY A 30 -23.35 -11.53 17.16
N VAL A 31 -23.08 -10.26 17.44
CA VAL A 31 -21.77 -9.70 17.10
C VAL A 31 -20.61 -10.46 17.77
N PRO A 32 -20.71 -10.73 19.10
CA PRO A 32 -19.56 -11.45 19.68
C PRO A 32 -19.38 -12.84 19.13
N GLN A 33 -20.45 -13.51 18.76
CA GLN A 33 -20.32 -14.85 18.18
C GLN A 33 -19.62 -14.74 16.83
N ALA A 34 -19.96 -13.73 16.06
CA ALA A 34 -19.32 -13.55 14.75
C ALA A 34 -17.82 -13.24 14.96
N MET A 35 -17.51 -12.45 15.99
CA MET A 35 -16.10 -12.09 16.26
C MET A 35 -15.37 -13.37 16.62
N THR A 36 -16.05 -14.27 17.32
CA THR A 36 -15.44 -15.54 17.69
C THR A 36 -15.18 -16.41 16.48
N ALA A 37 -16.17 -16.52 15.60
CA ALA A 37 -16.01 -17.35 14.41
C ALA A 37 -14.92 -16.71 13.51
N PHE A 38 -14.86 -15.40 13.49
CA PHE A 38 -13.81 -14.68 12.71
C PHE A 38 -12.41 -15.10 13.14
N ALA A 39 -12.11 -14.99 14.44
CA ALA A 39 -10.79 -15.37 14.93
C ALA A 39 -10.53 -16.86 14.70
N GLU A 40 -11.56 -17.72 14.84
CA GLU A 40 -11.35 -19.13 14.55
C GLU A 40 -10.97 -19.31 13.11
N PHE A 41 -11.66 -18.64 12.20
CA PHE A 41 -11.32 -18.88 10.82
C PHE A 41 -9.90 -18.36 10.54
N LEU A 42 -9.55 -17.18 11.04
CA LEU A 42 -8.17 -16.73 10.85
C LEU A 42 -7.17 -17.75 11.40
N ASN A 43 -7.35 -18.27 12.62
CA ASN A 43 -6.40 -19.29 13.11
C ASN A 43 -6.31 -20.50 12.20
N ARG A 44 -7.48 -20.94 11.70
CA ARG A 44 -7.54 -22.10 10.83
C ARG A 44 -6.67 -21.85 9.61
N THR A 45 -6.58 -20.60 9.19
CA THR A 45 -5.70 -20.29 8.06
C THR A 45 -4.23 -19.98 8.47
N GLY A 46 -3.89 -20.08 9.75
CA GLY A 46 -2.50 -19.99 10.17
C GLY A 46 -2.05 -18.60 10.59
N ILE A 47 -3.03 -17.71 10.76
CA ILE A 47 -2.80 -16.35 11.24
C ILE A 47 -2.92 -16.32 12.75
N PRO A 48 -1.84 -15.94 13.43
CA PRO A 48 -1.83 -16.02 14.90
C PRO A 48 -2.54 -14.84 15.55
N ILE A 49 -3.85 -14.76 15.37
CA ILE A 49 -4.66 -13.80 16.10
C ILE A 49 -5.16 -14.45 17.43
N ASN A 50 -5.06 -13.75 18.55
CA ASN A 50 -5.62 -14.22 19.82
C ASN A 50 -7.11 -14.52 19.70
N PRO A 51 -7.53 -15.74 20.08
CA PRO A 51 -8.99 -16.03 20.00
C PRO A 51 -9.85 -15.10 20.84
N ARG A 52 -9.27 -14.59 21.92
CA ARG A 52 -9.92 -13.74 22.90
C ARG A 52 -9.81 -12.30 22.39
N PHE A 53 -10.93 -11.64 22.13
CA PHE A 53 -10.91 -10.21 21.87
C PHE A 53 -11.30 -9.48 23.16
N SER A 54 -10.84 -8.24 23.33
CA SER A 54 -11.35 -7.39 24.40
C SER A 54 -12.75 -6.95 24.08
N PRO A 55 -13.60 -6.80 25.12
CA PRO A 55 -14.98 -6.45 24.81
C PRO A 55 -15.02 -5.20 23.93
N GLY A 56 -15.89 -5.24 22.93
CA GLY A 56 -15.96 -4.20 21.93
C GLY A 56 -16.79 -3.03 22.38
N MET A 57 -16.88 -2.01 21.52
CA MET A 57 -17.63 -0.83 21.86
C MET A 57 -18.62 -0.67 20.71
N SER A 58 -19.83 -0.25 21.06
CA SER A 58 -20.87 0.10 20.09
C SER A 58 -21.22 1.57 20.28
N MET A 59 -21.40 2.29 19.19
CA MET A 59 -21.71 3.70 19.27
C MET A 59 -22.39 4.05 18.01
N SER A 60 -23.13 5.15 18.00
CA SER A 60 -23.68 5.61 16.72
C SER A 60 -22.70 6.64 16.16
N VAL A 61 -22.74 6.82 14.85
CA VAL A 61 -21.79 7.73 14.23
C VAL A 61 -22.16 9.20 14.50
N PRO A 62 -21.22 9.97 15.09
CA PRO A 62 -21.51 11.36 15.46
C PRO A 62 -21.67 12.26 14.24
N GLY A 63 -22.08 13.51 14.45
CA GLY A 63 -22.23 14.44 13.34
C GLY A 63 -20.94 14.92 12.69
N SER A 64 -19.88 15.06 13.49
CA SER A 64 -18.62 15.61 12.99
C SER A 64 -17.45 14.63 13.10
N GLU A 65 -16.37 14.90 12.37
CA GLU A 65 -15.26 13.98 12.39
C GLU A 65 -14.46 14.14 13.67
N LYS A 66 -14.43 15.35 14.22
CA LYS A 66 -13.68 15.57 15.45
C LYS A 66 -14.31 14.82 16.64
N GLU A 67 -15.64 14.79 16.70
CA GLU A 67 -16.36 14.03 17.70
C GLU A 67 -16.05 12.55 17.58
N PHE A 68 -16.07 12.04 16.35
CA PHE A 68 -15.72 10.65 16.14
C PHE A 68 -14.33 10.33 16.70
N PHE A 69 -13.32 11.12 16.34
CA PHE A 69 -11.98 10.85 16.82
C PHE A 69 -11.94 10.78 18.36
N ALA A 70 -12.62 11.72 19.03
CA ALA A 70 -12.57 11.80 20.49
C ALA A 70 -13.15 10.52 21.09
N LYS A 71 -14.21 10.03 20.45
CA LYS A 71 -14.89 8.85 20.97
C LYS A 71 -14.10 7.56 20.80
N VAL A 72 -13.35 7.42 19.69
CA VAL A 72 -12.65 6.17 19.45
C VAL A 72 -11.21 6.21 19.91
N LYS A 73 -10.78 7.35 20.46
CA LYS A 73 -9.37 7.55 20.76
C LYS A 73 -8.83 6.47 21.69
N GLU A 74 -9.56 6.14 22.76
CA GLU A 74 -8.97 5.22 23.74
C GLU A 74 -8.96 3.80 23.19
N LEU A 75 -10.04 3.39 22.53
CA LEU A 75 -10.09 2.08 21.89
C LEU A 75 -8.94 1.92 20.90
N MET A 76 -8.80 2.88 20.00
CA MET A 76 -7.78 2.74 18.95
C MET A 76 -6.37 2.81 19.50
N SER A 77 -6.17 3.60 20.56
CA SER A 77 -4.84 3.75 21.17
C SER A 77 -4.39 2.54 22.00
N SER A 78 -5.33 1.73 22.46
CA SER A 78 -4.96 0.67 23.39
C SER A 78 -5.00 -0.75 22.79
N HIS A 79 -5.19 -0.87 21.46
CA HIS A 79 -5.22 -2.20 20.84
C HIS A 79 -4.26 -2.24 19.63
N GLN A 80 -3.84 -3.43 19.20
CA GLN A 80 -3.03 -3.56 17.99
C GLN A 80 -3.87 -3.61 16.72
N PHE A 81 -5.16 -3.88 16.89
CA PHE A 81 -6.06 -4.25 15.76
C PHE A 81 -7.50 -3.99 16.14
N VAL A 82 -8.24 -3.34 15.25
CA VAL A 82 -9.67 -3.15 15.49
C VAL A 82 -10.49 -3.58 14.28
N VAL A 83 -11.51 -4.42 14.51
CA VAL A 83 -12.43 -4.78 13.45
C VAL A 83 -13.56 -3.78 13.57
N VAL A 84 -13.77 -2.99 12.53
CA VAL A 84 -14.76 -1.94 12.57
C VAL A 84 -15.97 -2.40 11.75
N LEU A 85 -17.14 -2.46 12.37
CA LEU A 85 -18.37 -2.88 11.66
C LEU A 85 -19.18 -1.68 11.21
N LEU A 86 -19.30 -1.48 9.91
CA LEU A 86 -20.10 -0.36 9.42
C LEU A 86 -21.58 -0.79 9.37
N PRO A 87 -22.51 0.16 9.56
CA PRO A 87 -23.95 -0.07 9.47
C PRO A 87 -24.44 -0.36 8.05
N ARG A 88 -23.69 0.09 7.05
CA ARG A 88 -24.02 -0.18 5.65
C ARG A 88 -22.77 0.05 4.81
N LYS A 89 -22.85 -0.21 3.52
CA LYS A 89 -21.69 -0.05 2.68
C LYS A 89 -21.60 1.43 2.49
N ASP A 90 -20.66 2.03 3.20
CA ASP A 90 -20.60 3.46 3.31
C ASP A 90 -19.14 3.92 3.28
N VAL A 91 -18.68 4.40 2.13
CA VAL A 91 -17.28 4.74 1.96
C VAL A 91 -16.96 6.11 2.60
N ALA A 92 -17.99 6.90 2.87
CA ALA A 92 -17.76 8.13 3.64
C ALA A 92 -17.32 7.80 5.06
N ILE A 93 -17.99 6.85 5.70
CA ILE A 93 -17.62 6.45 7.05
C ILE A 93 -16.29 5.68 7.04
N TYR A 94 -16.10 4.82 6.03
CA TYR A 94 -14.84 4.09 5.88
C TYR A 94 -13.69 5.07 5.87
N ASN A 95 -13.85 6.12 5.07
CA ASN A 95 -12.72 7.06 4.89
C ASN A 95 -12.35 7.80 6.22
N MET A 96 -13.39 8.15 6.98
CA MET A 96 -13.18 8.74 8.29
C MET A 96 -12.45 7.79 9.28
N VAL A 97 -12.90 6.56 9.36
CA VAL A 97 -12.22 5.54 10.14
C VAL A 97 -10.76 5.40 9.71
N LYS A 98 -10.50 5.34 8.41
CA LYS A 98 -9.08 5.28 7.97
C LYS A 98 -8.24 6.52 8.36
N ARG A 99 -8.82 7.72 8.35
CA ARG A 99 -8.04 8.86 8.82
C ARG A 99 -7.75 8.73 10.30
N ALA A 100 -8.72 8.27 11.08
CA ALA A 100 -8.48 8.14 12.52
C ALA A 100 -7.39 7.10 12.79
N ALA A 101 -7.52 5.96 12.13
CA ALA A 101 -6.70 4.79 12.44
C ALA A 101 -5.34 4.84 11.76
N ASP A 102 -5.33 5.25 10.49
CA ASP A 102 -4.07 5.26 9.72
C ASP A 102 -3.19 6.44 10.10
N ILE A 103 -3.81 7.59 10.39
CA ILE A 103 -3.04 8.82 10.53
C ILE A 103 -2.92 9.19 12.01
N THR A 104 -4.05 9.35 12.66
CA THR A 104 -4.06 10.07 13.92
C THR A 104 -3.70 9.19 15.12
N PHE A 105 -4.21 7.95 15.16
CA PHE A 105 -3.92 7.05 16.27
C PHE A 105 -2.93 5.94 15.91
N GLY A 106 -2.88 5.58 14.64
CA GLY A 106 -1.90 4.59 14.19
C GLY A 106 -2.20 3.18 14.65
N VAL A 107 -3.30 2.64 14.18
CA VAL A 107 -3.68 1.24 14.50
C VAL A 107 -4.29 0.58 13.26
N HIS A 108 -3.95 -0.66 13.01
CA HIS A 108 -4.52 -1.41 11.91
C HIS A 108 -6.02 -1.66 12.11
N THR A 109 -6.76 -1.58 11.02
CA THR A 109 -8.20 -1.84 11.03
C THR A 109 -8.63 -2.64 9.82
N VAL A 110 -9.73 -3.37 9.96
CA VAL A 110 -10.53 -3.80 8.82
C VAL A 110 -11.92 -3.21 9.00
N CYS A 111 -12.48 -2.69 7.93
CA CYS A 111 -13.85 -2.16 7.94
C CYS A 111 -14.71 -3.18 7.21
N CYS A 112 -15.74 -3.67 7.88
CA CYS A 112 -16.63 -4.69 7.31
C CYS A 112 -18.05 -4.21 7.49
N VAL A 113 -18.86 -4.36 6.45
CA VAL A 113 -20.26 -4.03 6.57
C VAL A 113 -20.92 -5.12 7.44
N ALA A 114 -21.75 -4.70 8.37
CA ALA A 114 -22.18 -5.60 9.45
C ALA A 114 -22.99 -6.73 8.86
N GLU A 115 -23.85 -6.41 7.90
CA GLU A 115 -24.72 -7.42 7.28
C GLU A 115 -23.85 -8.53 6.68
N LYS A 116 -22.73 -8.14 6.09
CA LYS A 116 -21.82 -9.10 5.47
C LYS A 116 -21.02 -9.89 6.50
N PHE A 117 -20.50 -9.21 7.51
CA PHE A 117 -19.72 -9.84 8.56
C PHE A 117 -20.57 -10.88 9.32
N LEU A 118 -21.83 -10.53 9.57
CA LEU A 118 -22.66 -11.30 10.50
C LEU A 118 -23.46 -12.41 9.84
N SER A 119 -23.65 -12.29 8.52
CA SER A 119 -24.42 -13.26 7.75
C SER A 119 -23.76 -14.63 7.76
N THR A 120 -24.52 -15.64 8.20
CA THR A 120 -23.95 -16.97 8.30
C THR A 120 -23.66 -17.55 6.93
N LYS A 121 -24.59 -17.40 5.99
CA LYS A 121 -24.37 -17.99 4.68
C LYS A 121 -23.25 -17.23 3.99
N GLY A 122 -22.18 -17.91 3.57
CA GLY A 122 -21.11 -17.27 2.83
C GLY A 122 -20.02 -16.70 3.73
N GLN A 123 -20.21 -16.82 5.04
CA GLN A 123 -19.28 -16.23 6.02
C GLN A 123 -17.85 -16.74 5.95
N LEU A 124 -17.64 -18.04 5.72
CA LEU A 124 -16.27 -18.57 5.67
C LEU A 124 -15.46 -17.94 4.51
N GLY A 125 -16.16 -17.73 3.40
CA GLY A 125 -15.57 -17.10 2.24
C GLY A 125 -15.22 -15.64 2.48
N TYR A 126 -16.11 -14.91 3.13
CA TYR A 126 -15.85 -13.55 3.47
C TYR A 126 -14.66 -13.45 4.47
N PHE A 127 -14.64 -14.32 5.46
CA PHE A 127 -13.59 -14.29 6.46
C PHE A 127 -12.24 -14.62 5.86
N ALA A 128 -12.24 -15.49 4.87
CA ALA A 128 -11.02 -15.82 4.15
C ALA A 128 -10.39 -14.58 3.49
N ASN A 129 -11.23 -13.76 2.85
CA ASN A 129 -10.76 -12.58 2.14
C ASN A 129 -10.21 -11.58 3.14
N VAL A 130 -10.96 -11.38 4.23
CA VAL A 130 -10.54 -10.45 5.24
C VAL A 130 -9.24 -10.94 5.85
N GLY A 131 -9.13 -12.23 6.13
CA GLY A 131 -7.93 -12.78 6.74
C GLY A 131 -6.69 -12.61 5.88
N LEU A 132 -6.81 -12.80 4.56
CA LEU A 132 -5.65 -12.53 3.69
C LEU A 132 -5.13 -11.07 3.89
N LYS A 133 -6.04 -10.11 4.05
CA LYS A 133 -5.62 -8.73 4.26
C LYS A 133 -4.92 -8.61 5.59
N VAL A 134 -5.48 -9.25 6.63
CA VAL A 134 -4.93 -9.12 7.98
C VAL A 134 -3.49 -9.68 8.02
N ASN A 135 -3.29 -10.83 7.36
CA ASN A 135 -2.00 -11.45 7.38
C ASN A 135 -0.97 -10.50 6.76
N LEU A 136 -1.35 -9.79 5.71
CA LEU A 136 -0.41 -8.86 5.09
C LEU A 136 -0.18 -7.61 5.96
N LYS A 137 -1.24 -7.05 6.54
CA LYS A 137 -1.10 -5.82 7.33
C LYS A 137 -0.07 -6.09 8.43
N PHE A 138 -0.08 -7.30 8.99
CA PHE A 138 0.79 -7.61 10.13
C PHE A 138 2.10 -8.31 9.77
N GLY A 139 2.43 -8.32 8.49
CA GLY A 139 3.81 -8.61 8.11
C GLY A 139 4.07 -9.95 7.44
N GLY A 140 3.00 -10.69 7.15
CA GLY A 140 3.17 -12.07 6.68
C GLY A 140 3.22 -12.10 5.18
N THR A 141 3.30 -13.31 4.63
CA THR A 141 3.13 -13.52 3.20
C THR A 141 1.98 -14.53 2.96
N ASN A 142 1.10 -14.28 1.99
CA ASN A 142 -0.06 -15.14 1.77
C ASN A 142 0.18 -16.36 0.88
N HIS A 143 0.84 -16.15 -0.26
CA HIS A 143 1.00 -17.19 -1.26
C HIS A 143 2.49 -17.37 -1.55
N ASN A 144 2.86 -18.61 -1.82
CA ASN A 144 4.24 -18.92 -2.08
C ASN A 144 4.40 -19.28 -3.56
N ILE A 145 5.09 -18.45 -4.35
CA ILE A 145 5.44 -18.88 -5.71
C ILE A 145 6.69 -19.79 -5.66
N LYS A 146 6.43 -21.09 -5.77
CA LYS A 146 7.38 -22.13 -5.40
C LYS A 146 8.42 -22.45 -6.48
N THR A 147 8.09 -22.16 -7.72
CA THR A 147 8.99 -22.43 -8.84
C THR A 147 9.16 -21.13 -9.65
N PRO A 148 9.81 -20.13 -9.05
CA PRO A 148 9.85 -18.88 -9.80
C PRO A 148 10.93 -18.95 -10.87
N ILE A 149 10.72 -18.16 -11.91
CA ILE A 149 11.77 -17.72 -12.81
C ILE A 149 13.06 -17.44 -12.04
N PRO A 150 14.21 -17.96 -12.54
CA PRO A 150 15.55 -17.82 -11.91
C PRO A 150 15.78 -16.48 -11.20
N LEU A 151 15.43 -15.40 -11.90
CA LEU A 151 15.66 -14.03 -11.45
C LEU A 151 15.03 -13.67 -10.08
N LEU A 152 13.86 -14.23 -9.78
CA LEU A 152 13.21 -13.97 -8.49
C LEU A 152 13.74 -14.96 -7.47
N ALA A 153 14.01 -16.17 -7.93
CA ALA A 153 14.42 -17.27 -7.08
C ALA A 153 15.57 -16.86 -6.19
N LYS A 154 16.67 -16.40 -6.79
CA LYS A 154 17.91 -16.15 -6.07
C LYS A 154 17.72 -15.26 -4.84
N GLY A 155 16.54 -14.64 -4.71
CA GLY A 155 16.29 -13.65 -3.67
C GLY A 155 17.14 -12.39 -3.89
N LYS A 156 17.44 -12.05 -5.14
CA LYS A 156 18.33 -10.93 -5.40
C LYS A 156 17.71 -9.82 -6.25
N THR A 157 16.38 -9.82 -6.36
CA THR A 157 15.69 -8.86 -7.19
C THR A 157 14.62 -8.11 -6.41
N MET A 158 14.68 -6.79 -6.45
CA MET A 158 13.69 -5.90 -5.84
C MET A 158 12.70 -5.45 -6.91
N VAL A 159 11.41 -5.44 -6.58
CA VAL A 159 10.39 -4.96 -7.53
C VAL A 159 9.75 -3.70 -7.03
N VAL A 160 9.49 -2.76 -7.93
CA VAL A 160 9.06 -1.44 -7.50
C VAL A 160 7.90 -1.04 -8.34
N GLY A 161 6.93 -0.38 -7.73
CA GLY A 161 5.84 0.18 -8.50
C GLY A 161 5.61 1.58 -8.03
N TYR A 162 5.37 2.53 -8.94
CA TYR A 162 4.94 3.80 -8.47
C TYR A 162 4.00 4.42 -9.44
N ASP A 163 3.19 5.30 -8.91
CA ASP A 163 2.22 6.05 -9.68
C ASP A 163 2.24 7.49 -9.21
N VAL A 164 1.84 8.39 -10.08
CA VAL A 164 1.85 9.82 -9.79
C VAL A 164 0.47 10.38 -10.15
N THR A 165 -0.22 10.93 -9.16
CA THR A 165 -1.61 11.34 -9.35
C THR A 165 -1.73 12.82 -9.13
N HIS A 166 -2.65 13.45 -9.85
CA HIS A 166 -2.80 14.91 -9.79
C HIS A 166 -4.09 15.23 -9.08
N PRO A 167 -4.01 15.83 -7.89
CA PRO A 167 -5.24 16.09 -7.11
C PRO A 167 -6.21 17.05 -7.81
N THR A 168 -5.73 18.02 -8.58
CA THR A 168 -6.67 18.87 -9.29
C THR A 168 -6.90 18.25 -10.64
N ASN A 169 -8.18 18.09 -10.98
CA ASN A 169 -8.57 17.85 -12.35
C ASN A 169 -9.09 19.18 -12.93
N LEU A 170 -8.35 19.70 -13.91
CA LEU A 170 -8.73 20.92 -14.66
C LEU A 170 -9.71 20.62 -15.80
N ALA A 171 -9.90 19.33 -16.10
CA ALA A 171 -10.85 18.88 -17.15
C ALA A 171 -10.51 19.57 -18.48
N ALA A 172 -9.27 19.38 -18.92
CA ALA A 172 -8.77 20.00 -20.13
C ALA A 172 -7.67 19.10 -20.68
N GLY A 173 -7.94 17.80 -20.68
CA GLY A 173 -6.94 16.82 -21.09
C GLY A 173 -5.80 16.64 -20.08
N GLN A 174 -4.68 16.11 -20.57
CA GLN A 174 -3.53 15.79 -19.72
C GLN A 174 -3.06 16.95 -18.84
N SER A 175 -2.83 16.68 -17.56
CA SER A 175 -2.21 17.69 -16.68
C SER A 175 -0.83 18.10 -17.22
N PRO A 176 -0.53 19.42 -17.23
CA PRO A 176 0.79 19.87 -17.65
C PRO A 176 1.86 19.43 -16.65
N ALA A 177 3.11 19.73 -16.98
CA ALA A 177 4.23 19.20 -16.24
C ALA A 177 4.34 19.85 -14.87
N SER A 178 3.89 21.09 -14.76
CA SER A 178 4.07 21.83 -13.52
C SER A 178 2.96 21.55 -12.48
N ALA A 179 1.92 20.80 -12.85
CA ALA A 179 0.77 20.61 -11.96
C ALA A 179 1.17 19.84 -10.71
N PRO A 180 0.76 20.35 -9.55
CA PRO A 180 1.03 19.61 -8.31
C PRO A 180 0.62 18.15 -8.36
N SER A 181 1.42 17.27 -7.77
CA SER A 181 1.08 15.84 -7.83
C SER A 181 1.43 15.16 -6.53
N ILE A 182 0.90 13.97 -6.36
CA ILE A 182 1.18 13.11 -5.22
C ILE A 182 1.74 11.82 -5.75
N VAL A 183 2.82 11.34 -5.15
CA VAL A 183 3.39 10.07 -5.57
C VAL A 183 3.05 8.98 -4.58
N GLY A 184 2.68 7.80 -5.06
CA GLY A 184 2.53 6.60 -4.24
C GLY A 184 3.54 5.57 -4.75
N LEU A 185 4.37 5.02 -3.89
CA LEU A 185 5.37 4.11 -4.36
C LEU A 185 5.38 2.88 -3.47
N VAL A 186 5.56 1.67 -4.04
CA VAL A 186 5.74 0.49 -3.21
C VAL A 186 6.95 -0.24 -3.72
N SER A 187 7.58 -1.03 -2.86
CA SER A 187 8.59 -1.97 -3.34
C SER A 187 8.64 -3.18 -2.40
N THR A 188 9.15 -4.30 -2.90
CA THR A 188 9.46 -5.46 -2.07
C THR A 188 10.68 -5.23 -1.20
N ILE A 189 10.77 -5.98 -0.11
CA ILE A 189 11.88 -5.87 0.79
C ILE A 189 12.56 -7.21 1.07
N ASP A 190 12.15 -8.27 0.36
CA ASP A 190 12.78 -9.58 0.55
C ASP A 190 12.44 -10.52 -0.59
N GLN A 191 12.97 -11.72 -0.50
CA GLN A 191 12.82 -12.72 -1.56
C GLN A 191 11.42 -13.25 -1.72
N HIS A 192 10.59 -13.09 -0.70
CA HIS A 192 9.27 -13.72 -0.67
C HIS A 192 8.23 -12.93 -1.46
N LEU A 193 8.44 -11.62 -1.57
CA LEU A 193 7.54 -10.78 -2.34
C LEU A 193 6.13 -10.70 -1.76
N GLY A 194 5.99 -10.99 -0.46
CA GLY A 194 4.69 -10.83 0.18
C GLY A 194 4.45 -9.39 0.65
N GLN A 195 5.49 -8.82 1.25
CA GLN A 195 5.45 -7.50 1.87
C GLN A 195 5.91 -6.39 0.91
N TRP A 196 5.13 -5.31 0.85
CA TRP A 196 5.37 -4.22 -0.09
C TRP A 196 5.13 -2.89 0.64
N PRO A 197 6.11 -2.48 1.43
CA PRO A 197 6.05 -1.21 2.16
C PRO A 197 5.88 -0.07 1.17
N ALA A 198 5.19 1.00 1.60
CA ALA A 198 4.81 2.09 0.69
C ALA A 198 5.47 3.39 1.16
N MET A 199 5.60 4.31 0.22
CA MET A 199 5.99 5.70 0.52
C MET A 199 5.01 6.61 -0.20
N VAL A 200 4.67 7.72 0.41
CA VAL A 200 3.87 8.74 -0.25
C VAL A 200 4.62 10.07 -0.10
N TRP A 201 4.69 10.85 -1.17
CA TRP A 201 5.17 12.24 -1.01
C TRP A 201 4.49 13.18 -1.96
N ASN A 202 4.56 14.47 -1.65
CA ASN A 202 3.94 15.49 -2.47
C ASN A 202 4.96 16.25 -3.33
N ASN A 203 4.56 16.54 -4.55
CA ASN A 203 5.34 17.34 -5.51
C ASN A 203 4.67 18.70 -5.76
N PRO A 204 4.96 19.72 -4.92
CA PRO A 204 4.19 20.97 -5.05
C PRO A 204 4.36 21.67 -6.40
N HIS A 205 5.52 21.56 -7.03
CA HIS A 205 5.74 22.09 -8.39
C HIS A 205 5.78 21.01 -9.48
N GLY A 206 5.10 19.90 -9.22
CA GLY A 206 4.93 18.89 -10.23
C GLY A 206 6.25 18.24 -10.58
N GLN A 207 6.53 18.12 -11.87
CA GLN A 207 7.73 17.40 -12.32
C GLN A 207 9.02 17.98 -11.77
N GLU A 208 9.08 19.30 -11.60
CA GLU A 208 10.19 19.98 -10.99
C GLU A 208 10.47 19.47 -9.57
N SER A 209 9.40 19.23 -8.80
CA SER A 209 9.55 18.70 -7.45
C SER A 209 9.95 17.22 -7.51
N MET A 210 9.39 16.48 -8.45
CA MET A 210 9.75 15.07 -8.63
C MET A 210 11.25 15.01 -8.86
N THR A 211 11.74 15.85 -9.77
CA THR A 211 13.17 15.87 -10.07
C THR A 211 14.00 16.20 -8.82
N GLU A 212 13.51 17.08 -7.96
CA GLU A 212 14.29 17.44 -6.77
C GLU A 212 14.28 16.33 -5.74
N GLN A 213 13.26 15.46 -5.75
CA GLN A 213 13.05 14.55 -4.59
C GLN A 213 13.28 13.06 -4.84
N PHE A 214 13.12 12.60 -6.07
CA PHE A 214 13.01 11.16 -6.31
C PHE A 214 14.28 10.42 -5.91
N THR A 215 15.44 11.03 -6.16
CA THR A 215 16.69 10.35 -5.82
C THR A 215 16.74 10.02 -4.32
N ASP A 216 16.46 11.01 -3.48
CA ASP A 216 16.56 10.78 -2.02
C ASP A 216 15.45 9.79 -1.59
N LYS A 217 14.26 9.89 -2.19
CA LYS A 217 13.17 8.96 -1.82
C LYS A 217 13.55 7.51 -2.19
N PHE A 218 14.05 7.32 -3.40
CA PHE A 218 14.44 6.00 -3.81
C PHE A 218 15.59 5.42 -2.99
N LYS A 219 16.52 6.28 -2.61
CA LYS A 219 17.63 5.87 -1.73
C LYS A 219 17.08 5.24 -0.46
N THR A 220 16.02 5.79 0.12
CA THR A 220 15.49 5.15 1.34
C THR A 220 14.97 3.74 1.06
N ARG A 221 14.47 3.45 -0.15
CA ARG A 221 13.95 2.11 -0.41
C ARG A 221 15.07 1.10 -0.43
N LEU A 222 16.20 1.50 -1.01
CA LEU A 222 17.38 0.62 -1.07
C LEU A 222 17.88 0.38 0.33
N GLU A 223 17.86 1.42 1.15
CA GLU A 223 18.32 1.32 2.54
C GLU A 223 17.37 0.44 3.37
N LEU A 224 16.08 0.51 3.09
CA LEU A 224 15.09 -0.35 3.75
C LEU A 224 15.39 -1.81 3.44
N TRP A 225 15.66 -2.10 2.18
CA TRP A 225 16.00 -3.44 1.79
C TRP A 225 17.26 -3.90 2.54
N ARG A 226 18.29 -3.09 2.58
CA ARG A 226 19.56 -3.51 3.16
C ARG A 226 19.42 -3.73 4.66
N SER A 227 18.56 -2.96 5.30
CA SER A 227 18.48 -3.06 6.76
C SER A 227 17.50 -4.15 7.22
N ASN A 228 16.87 -4.84 6.26
CA ASN A 228 16.01 -5.96 6.60
C ASN A 228 16.86 -7.19 6.94
N PRO A 229 16.79 -7.65 8.20
CA PRO A 229 17.59 -8.79 8.66
C PRO A 229 17.67 -9.92 7.64
N ALA A 230 16.54 -10.21 6.99
CA ALA A 230 16.44 -11.29 6.01
C ALA A 230 17.51 -11.25 4.92
N ASN A 231 17.85 -10.04 4.47
CA ASN A 231 18.72 -9.87 3.30
C ASN A 231 20.19 -9.78 3.71
N ASN A 232 20.43 -9.79 5.01
CA ASN A 232 21.79 -9.87 5.52
C ASN A 232 22.73 -8.82 4.94
N ARG A 233 22.29 -7.55 5.00
CA ARG A 233 23.12 -6.41 4.59
C ARG A 233 23.41 -6.41 3.09
N SER A 234 22.61 -7.18 2.35
CA SER A 234 22.71 -7.25 0.90
C SER A 234 21.88 -6.13 0.27
N LEU A 235 22.21 -5.80 -0.97
CA LEU A 235 21.44 -4.89 -1.79
C LEU A 235 21.03 -5.73 -2.98
N PRO A 236 19.82 -5.49 -3.53
CA PRO A 236 19.42 -6.31 -4.68
C PRO A 236 20.38 -6.13 -5.85
N GLU A 237 20.60 -7.19 -6.61
CA GLU A 237 21.42 -7.13 -7.80
C GLU A 237 20.60 -6.69 -9.01
N ASN A 238 19.28 -6.84 -8.95
CA ASN A 238 18.38 -6.37 -10.00
C ASN A 238 17.21 -5.56 -9.43
N ILE A 239 16.67 -4.67 -10.23
CA ILE A 239 15.57 -3.85 -9.78
C ILE A 239 14.63 -3.76 -10.95
N LEU A 240 13.42 -4.27 -10.76
CA LEU A 240 12.42 -4.22 -11.80
C LEU A 240 11.45 -3.12 -11.37
N ILE A 241 11.17 -2.17 -12.28
CA ILE A 241 10.44 -0.97 -11.91
C ILE A 241 9.23 -0.77 -12.77
N PHE A 242 8.05 -0.69 -12.15
CA PHE A 242 6.82 -0.47 -12.88
C PHE A 242 6.30 0.93 -12.60
N ARG A 243 6.05 1.70 -13.65
CA ARG A 243 5.46 3.02 -13.54
C ARG A 243 4.04 3.00 -14.13
N ASP A 244 3.05 3.29 -13.31
CA ASP A 244 1.67 3.38 -13.81
C ASP A 244 1.34 4.83 -14.08
N GLY A 245 0.23 5.11 -14.76
CA GLY A 245 -0.35 6.44 -14.77
C GLY A 245 0.14 7.38 -15.86
N VAL A 246 0.87 6.86 -16.83
CA VAL A 246 1.34 7.66 -17.95
C VAL A 246 0.73 7.22 -19.27
N SER A 247 0.52 8.18 -20.17
CA SER A 247 0.15 7.86 -21.53
C SER A 247 1.39 7.70 -22.40
N GLU A 248 1.25 7.00 -23.52
CA GLU A 248 2.35 6.81 -24.48
C GLU A 248 3.10 8.14 -24.78
N GLY A 249 2.38 9.25 -24.81
CA GLY A 249 3.02 10.54 -25.00
C GLY A 249 4.03 10.94 -23.91
N GLN A 250 4.06 10.21 -22.81
CA GLN A 250 4.82 10.60 -21.62
C GLN A 250 5.89 9.56 -21.31
N PHE A 251 5.96 8.53 -22.14
CA PHE A 251 6.94 7.47 -21.93
C PHE A 251 8.34 8.06 -21.89
N GLN A 252 8.65 8.99 -22.79
CA GLN A 252 10.00 9.52 -22.90
C GLN A 252 10.40 10.26 -21.63
N MET A 253 9.44 11.01 -21.09
CA MET A 253 9.61 11.74 -19.86
C MET A 253 9.99 10.75 -18.75
N VAL A 254 9.33 9.61 -18.69
CA VAL A 254 9.68 8.65 -17.64
C VAL A 254 11.12 8.18 -17.86
N ILE A 255 11.46 7.77 -19.08
CA ILE A 255 12.81 7.27 -19.33
C ILE A 255 13.90 8.35 -19.08
N LYS A 256 13.68 9.54 -19.60
CA LYS A 256 14.72 10.59 -19.63
C LYS A 256 14.80 11.42 -18.35
N ASP A 257 13.67 11.59 -17.68
CA ASP A 257 13.64 12.49 -16.53
C ASP A 257 13.51 11.77 -15.17
N GLU A 258 12.83 10.62 -15.12
CA GLU A 258 12.67 9.92 -13.87
C GLU A 258 13.72 8.84 -13.62
N LEU A 259 13.95 7.95 -14.59
CA LEU A 259 14.86 6.83 -14.40
C LEU A 259 16.30 7.23 -13.99
N PRO A 260 16.83 8.33 -14.56
CA PRO A 260 18.18 8.76 -14.14
C PRO A 260 18.27 9.03 -12.63
N LEU A 261 17.15 9.44 -12.06
CA LEU A 261 17.11 9.76 -10.62
C LEU A 261 17.22 8.49 -9.78
N VAL A 262 16.62 7.41 -10.26
CA VAL A 262 16.78 6.09 -9.63
C VAL A 262 18.22 5.60 -9.73
N ARG A 263 18.79 5.76 -10.93
CA ARG A 263 20.19 5.38 -11.16
C ARG A 263 21.10 6.13 -10.21
N ALA A 264 20.83 7.41 -10.00
CA ALA A 264 21.67 8.23 -9.12
C ALA A 264 21.54 7.70 -7.69
N ALA A 265 20.33 7.29 -7.28
CA ALA A 265 20.14 6.75 -5.92
C ALA A 265 21.04 5.52 -5.77
N CYS A 266 21.11 4.71 -6.83
CA CYS A 266 21.90 3.48 -6.74
C CYS A 266 23.37 3.86 -6.60
N LYS A 267 23.80 4.87 -7.35
CA LYS A 267 25.18 5.36 -7.24
C LYS A 267 25.55 5.80 -5.82
N LEU A 268 24.59 6.33 -5.08
CA LEU A 268 24.81 6.81 -3.71
C LEU A 268 24.93 5.69 -2.66
N VAL A 269 24.33 4.53 -2.96
CA VAL A 269 24.18 3.45 -1.97
C VAL A 269 25.07 2.23 -2.21
N TYR A 270 25.31 1.90 -3.46
CA TYR A 270 25.94 0.62 -3.80
C TYR A 270 27.45 0.70 -3.60
N PRO A 271 28.08 -0.45 -3.32
CA PRO A 271 29.55 -0.46 -3.36
C PRO A 271 30.05 0.07 -4.70
N ALA A 272 31.22 0.68 -4.70
CA ALA A 272 31.81 1.18 -5.95
C ALA A 272 31.93 0.07 -6.99
N GLY A 273 31.56 0.37 -8.23
CA GLY A 273 31.57 -0.62 -9.30
C GLY A 273 30.55 -1.76 -9.21
N LYS A 274 29.64 -1.69 -8.24
CA LYS A 274 28.68 -2.78 -8.08
C LYS A 274 27.22 -2.37 -8.30
N LEU A 275 26.92 -1.66 -9.39
CA LEU A 275 25.53 -1.26 -9.71
C LEU A 275 24.56 -2.37 -10.13
N PRO A 276 23.28 -2.25 -9.73
CA PRO A 276 22.33 -3.30 -10.11
C PRO A 276 21.88 -3.15 -11.56
N ARG A 277 21.37 -4.20 -12.17
CA ARG A 277 20.73 -4.06 -13.46
C ARG A 277 19.31 -3.59 -13.28
N ILE A 278 18.82 -2.78 -14.21
CA ILE A 278 17.49 -2.18 -14.08
C ILE A 278 16.63 -2.41 -15.31
N THR A 279 15.36 -2.73 -15.09
CA THR A 279 14.39 -2.79 -16.17
C THR A 279 13.22 -1.93 -15.76
N LEU A 280 12.78 -1.07 -16.68
CA LEU A 280 11.65 -0.16 -16.50
C LEU A 280 10.49 -0.54 -17.42
N ILE A 281 9.30 -0.65 -16.84
CA ILE A 281 8.09 -1.08 -17.56
C ILE A 281 6.99 -0.10 -17.25
N VAL A 282 6.22 0.32 -18.25
CA VAL A 282 5.10 1.23 -18.02
C VAL A 282 3.77 0.55 -18.36
N SER A 283 2.69 1.25 -18.06
CA SER A 283 1.34 0.78 -18.45
C SER A 283 0.44 1.97 -18.74
N VAL A 284 -0.18 1.93 -19.91
CA VAL A 284 -0.93 3.07 -20.46
C VAL A 284 -2.43 3.01 -20.13
N HIS A 291 -2.03 -1.81 -21.75
CA HIS A 291 -1.22 -2.98 -21.42
C HIS A 291 0.10 -2.52 -20.82
N TYR A 292 1.17 -3.28 -21.06
CA TYR A 292 2.50 -2.94 -20.57
C TYR A 292 3.53 -2.90 -21.69
N THR A 293 4.44 -1.94 -21.59
CA THR A 293 5.54 -1.73 -22.54
C THR A 293 6.87 -1.58 -21.79
N VAL A 294 7.83 -2.44 -22.12
CA VAL A 294 9.17 -2.35 -21.60
C VAL A 294 9.89 -1.18 -22.26
N LEU A 295 10.36 -0.23 -21.45
CA LEU A 295 10.97 0.98 -21.98
C LEU A 295 12.49 0.86 -21.95
N VAL A 296 13.02 0.19 -20.93
CA VAL A 296 14.46 0.02 -20.78
C VAL A 296 14.66 -1.37 -20.22
N ASP A 297 15.54 -2.18 -20.78
CA ASP A 297 15.78 -3.52 -20.22
C ASP A 297 17.23 -3.97 -20.14
N GLU A 298 17.72 -4.19 -18.92
CA GLU A 298 19.10 -4.61 -18.69
C GLU A 298 19.15 -6.00 -18.10
N ILE A 299 17.97 -6.52 -17.75
CA ILE A 299 17.93 -7.79 -17.02
C ILE A 299 17.56 -8.95 -17.93
N PHE A 300 16.46 -8.83 -18.65
CA PHE A 300 15.93 -9.98 -19.37
C PHE A 300 16.71 -10.41 -20.63
N ARG A 301 17.10 -9.47 -21.49
CA ARG A 301 17.89 -9.83 -22.68
C ARG A 301 19.22 -10.43 -22.20
N ALA A 302 19.92 -9.67 -21.36
CA ALA A 302 21.08 -10.18 -20.64
C ALA A 302 20.89 -11.65 -20.25
N ASP A 303 19.89 -11.94 -19.42
CA ASP A 303 19.73 -13.31 -18.89
C ASP A 303 19.08 -14.34 -19.80
N TYR A 304 18.21 -13.94 -20.72
CA TYR A 304 17.36 -14.95 -21.38
C TYR A 304 17.34 -14.92 -22.91
N GLY A 305 18.23 -14.16 -23.52
CA GLY A 305 18.24 -14.02 -24.97
C GLY A 305 16.85 -14.00 -25.61
N ASN A 306 16.59 -15.00 -26.46
CA ASN A 306 15.32 -15.15 -27.16
C ASN A 306 14.09 -15.33 -26.26
N LYS A 307 14.29 -15.91 -25.06
CA LYS A 307 13.18 -16.19 -24.15
C LYS A 307 12.82 -14.99 -23.28
N ALA A 308 13.30 -13.81 -23.68
CA ALA A 308 13.15 -12.61 -22.87
C ALA A 308 11.67 -12.31 -22.67
N ALA A 309 11.01 -12.00 -23.78
CA ALA A 309 9.59 -11.62 -23.77
C ALA A 309 8.78 -12.57 -22.88
N ASP A 310 8.97 -13.88 -23.12
CA ASP A 310 8.23 -14.94 -22.43
C ASP A 310 8.62 -15.16 -20.96
N THR A 311 9.84 -14.79 -20.57
CA THR A 311 10.27 -14.96 -19.19
C THR A 311 9.66 -13.88 -18.28
N LEU A 312 9.39 -12.70 -18.87
CA LEU A 312 8.78 -11.59 -18.12
C LEU A 312 7.27 -11.77 -18.01
N GLU A 313 6.67 -12.40 -19.03
CA GLU A 313 5.23 -12.67 -19.02
C GLU A 313 4.93 -13.81 -18.02
N GLN A 314 5.86 -14.73 -17.85
CA GLN A 314 5.77 -15.71 -16.77
C GLN A 314 5.97 -15.03 -15.42
N LEU A 315 6.86 -14.06 -15.35
CA LEU A 315 7.15 -13.42 -14.08
C LEU A 315 5.94 -12.64 -13.61
N THR A 316 5.28 -12.00 -14.55
CA THR A 316 4.16 -11.11 -14.25
C THR A 316 2.88 -11.93 -14.05
N HIS A 317 2.84 -13.13 -14.63
CA HIS A 317 1.79 -14.09 -14.32
C HIS A 317 1.95 -14.64 -12.88
N ASP A 318 3.18 -15.01 -12.52
CA ASP A 318 3.50 -15.35 -11.13
C ASP A 318 3.07 -14.22 -10.19
N MET A 319 3.17 -12.97 -10.61
CA MET A 319 2.76 -11.89 -9.71
C MET A 319 1.25 -11.96 -9.42
N CYS A 320 0.44 -12.11 -10.49
CA CYS A 320 -0.99 -12.31 -10.38
C CYS A 320 -1.31 -13.43 -9.39
N TYR A 321 -0.73 -14.60 -9.63
CA TYR A 321 -0.92 -15.78 -8.78
C TYR A 321 -0.73 -15.42 -7.31
N LEU A 322 0.50 -15.09 -6.93
CA LEU A 322 0.78 -14.74 -5.53
C LEU A 322 0.17 -13.37 -5.18
N CYS A 333 -1.31 -7.32 -11.92
CA CYS A 333 -0.01 -6.61 -11.90
C CYS A 333 0.18 -5.88 -10.58
N PRO A 334 0.68 -6.59 -9.56
CA PRO A 334 0.78 -6.08 -8.18
C PRO A 334 1.47 -4.75 -8.03
N PRO A 335 2.67 -4.57 -8.64
CA PRO A 335 3.36 -3.33 -8.34
C PRO A 335 2.49 -2.19 -8.74
N ALA A 336 1.82 -2.27 -9.90
CA ALA A 336 1.02 -1.15 -10.35
C ALA A 336 -0.31 -1.07 -9.59
N TYR A 337 -0.86 -2.21 -9.20
CA TYR A 337 -2.11 -2.18 -8.48
C TYR A 337 -1.87 -1.66 -7.06
N TYR A 338 -0.88 -2.20 -6.39
CA TYR A 338 -0.55 -1.72 -5.07
C TYR A 338 -0.19 -0.24 -5.10
N ALA A 339 0.61 0.17 -6.07
CA ALA A 339 0.92 1.59 -6.09
C ALA A 339 -0.37 2.41 -6.24
N ASP A 340 -1.30 1.93 -7.05
CA ASP A 340 -2.57 2.65 -7.24
C ASP A 340 -3.32 2.74 -5.92
N LEU A 341 -3.28 1.67 -5.15
CA LEU A 341 -4.05 1.65 -3.89
C LEU A 341 -3.44 2.67 -2.94
N VAL A 342 -2.13 2.77 -2.98
CA VAL A 342 -1.41 3.74 -2.16
C VAL A 342 -1.86 5.16 -2.52
N CYS A 343 -1.87 5.49 -3.83
CA CYS A 343 -2.37 6.78 -4.26
C CYS A 343 -3.81 7.05 -3.81
N ASP A 344 -4.70 6.09 -4.04
CA ASP A 344 -6.10 6.28 -3.65
C ASP A 344 -6.24 6.59 -2.16
N ARG A 345 -5.52 5.84 -1.32
CA ARG A 345 -5.59 6.04 0.13
C ARG A 345 -4.98 7.41 0.51
N ALA A 346 -3.96 7.84 -0.22
CA ALA A 346 -3.36 9.13 0.06
C ALA A 346 -4.39 10.20 -0.13
N ARG A 347 -5.22 10.04 -1.16
CA ARG A 347 -6.25 11.03 -1.44
C ARG A 347 -7.22 11.18 -0.25
N ILE A 348 -7.56 10.05 0.38
CA ILE A 348 -8.36 10.02 1.60
C ILE A 348 -7.65 10.64 2.79
N HIS A 349 -6.38 10.29 2.94
CA HIS A 349 -5.59 10.87 4.02
C HIS A 349 -5.49 12.38 3.97
N GLN A 350 -5.35 12.95 2.78
CA GLN A 350 -5.03 14.40 2.70
C GLN A 350 -6.31 15.22 2.53
N LYS A 351 -7.18 15.06 3.53
CA LYS A 351 -8.49 15.69 3.49
C LYS A 351 -8.40 17.23 3.45
N GLU A 352 -7.49 17.83 4.21
CA GLU A 352 -7.35 19.29 4.23
C GLU A 352 -7.08 19.77 2.78
N LEU A 353 -6.19 19.07 2.08
CA LEU A 353 -5.86 19.43 0.71
C LEU A 353 -7.09 19.31 -0.20
N PHE A 354 -7.80 18.17 -0.16
CA PHE A 354 -8.91 18.04 -1.10
C PHE A 354 -10.08 18.99 -0.78
N ASP A 355 -10.28 19.28 0.49
CA ASP A 355 -11.28 20.30 0.87
C ASP A 355 -10.91 21.67 0.30
N ALA A 356 -9.62 21.99 0.38
CA ALA A 356 -9.11 23.28 -0.13
C ALA A 356 -9.28 23.36 -1.67
N LEU A 357 -9.05 22.23 -2.36
CA LEU A 357 -9.09 22.21 -3.84
C LEU A 357 -10.52 22.32 -4.43
N ASP A 358 -11.51 22.05 -3.60
CA ASP A 358 -12.91 22.28 -3.94
C ASP A 358 -13.22 23.78 -4.06
N GLU A 359 -12.41 24.62 -3.39
CA GLU A 359 -12.60 26.10 -3.41
C GLU A 359 -11.73 26.90 -4.39
N ASN A 360 -10.54 26.40 -4.72
CA ASN A 360 -9.70 27.06 -5.70
C ASN A 360 -8.90 26.03 -6.45
N ASP A 361 -8.62 26.33 -7.71
CA ASP A 361 -7.84 25.43 -8.56
C ASP A 361 -6.41 25.32 -8.10
N SER A 362 -5.96 26.33 -7.38
CA SER A 362 -4.58 26.39 -6.89
C SER A 362 -4.62 26.70 -5.41
N VAL A 363 -3.83 25.96 -4.67
CA VAL A 363 -3.58 26.28 -3.31
C VAL A 363 -2.11 26.67 -3.29
N LYS A 364 -1.69 27.37 -2.26
CA LYS A 364 -0.30 27.79 -2.18
C LYS A 364 0.59 26.56 -2.22
N THR A 365 1.74 26.64 -2.86
CA THR A 365 2.67 25.52 -2.81
C THR A 365 3.09 25.14 -1.38
N ASP A 366 3.26 26.10 -0.47
CA ASP A 366 3.60 25.74 0.90
C ASP A 366 2.44 24.96 1.55
N ASP A 367 1.21 25.28 1.19
CA ASP A 367 0.05 24.55 1.72
C ASP A 367 0.00 23.13 1.19
N PHE A 368 0.28 22.96 -0.09
CA PHE A 368 0.34 21.64 -0.72
C PHE A 368 1.35 20.75 0.03
N ALA A 369 2.53 21.29 0.32
CA ALA A 369 3.56 20.56 1.02
C ALA A 369 3.13 20.21 2.46
N ARG A 370 2.59 21.17 3.20
CA ARG A 370 2.34 20.88 4.61
C ARG A 370 1.08 20.01 4.80
N TRP A 371 0.10 20.11 3.91
CA TRP A 371 -1.03 19.16 3.98
C TRP A 371 -0.56 17.73 3.64
N GLY A 372 0.49 17.58 2.86
CA GLY A 372 1.16 16.29 2.73
C GLY A 372 1.73 15.81 4.06
N ASN A 373 2.36 16.72 4.81
CA ASN A 373 2.93 16.38 6.11
C ASN A 373 1.82 15.95 7.08
N SER A 374 0.71 16.69 7.09
CA SER A 374 -0.42 16.42 7.98
C SER A 374 -1.13 15.09 7.74
N GLY A 375 -1.13 14.66 6.48
CA GLY A 375 -1.83 13.44 6.07
C GLY A 375 -0.91 12.24 5.90
N ALA A 376 0.22 12.22 6.61
CA ALA A 376 1.15 11.07 6.51
C ALA A 376 0.76 9.97 7.48
N VAL A 377 0.97 8.73 7.05
CA VAL A 377 0.62 7.59 7.87
C VAL A 377 1.44 7.65 9.18
N HIS A 378 0.81 7.26 10.26
CA HIS A 378 1.35 7.32 11.62
C HIS A 378 2.59 6.43 11.71
N PRO A 379 3.57 6.84 12.51
CA PRO A 379 4.78 5.99 12.62
C PRO A 379 4.54 4.56 13.11
N ASN A 380 3.49 4.30 13.90
CA ASN A 380 3.14 2.92 14.27
C ASN A 380 2.97 2.01 13.04
N LEU A 381 2.53 2.60 11.92
CA LEU A 381 2.20 1.84 10.70
C LEU A 381 3.15 2.09 9.50
N ARG A 382 4.21 2.86 9.73
CA ARG A 382 5.04 3.42 8.66
C ARG A 382 5.44 2.49 7.50
N ASN A 383 6.00 1.31 7.79
CA ASN A 383 6.41 0.39 6.71
C ASN A 383 5.42 -0.75 6.48
N SER A 384 4.15 -0.53 6.78
CA SER A 384 3.20 -1.67 6.79
C SER A 384 2.30 -1.57 5.57
N MET A 385 1.63 -2.68 5.21
CA MET A 385 0.69 -2.62 4.11
C MET A 385 -0.71 -2.14 4.61
N TYR A 386 -0.71 -0.96 5.22
CA TYR A 386 -1.94 -0.34 5.69
C TYR A 386 -2.92 -0.12 4.55
N TYR A 387 -2.46 -0.12 3.29
CA TYR A 387 -3.32 0.34 2.19
C TYR A 387 -4.09 -0.86 1.58
N ILE A 388 -3.83 -2.07 2.06
CA ILE A 388 -4.30 -3.27 1.38
C ILE A 388 -5.66 -3.69 1.92
#